data_8EFK
#
_entry.id   8EFK
#
_cell.length_a   1.00
_cell.length_b   1.00
_cell.length_c   1.00
_cell.angle_alpha   90.00
_cell.angle_beta   90.00
_cell.angle_gamma   90.00
#
_symmetry.space_group_name_H-M   'P 1'
#
loop_
_entity.id
_entity.type
_entity.pdbx_description
1 polymer 'Lates calcarifer DNA polymerase theta'
2 polymer "DNA (5'-D(P*TP*TP*TP*TP*GP*GP*CP*TP*TP*TP*TP*GP*CP*CP*(2DA))-3')"
3 non-polymer 'MAGNESIUM ION'
4 non-polymer "2',3'-dideoxyadenosine triphosphate"
#
loop_
_entity_poly.entity_id
_entity_poly.type
_entity_poly.pdbx_seq_one_letter_code
_entity_poly.pdbx_strand_id
1 'polypeptide(L)'
;MGHHHHHHPSGVKTENNDHINLKVAGQDGSVVQFKIKRHTPLSKLMKAYCERQGLSMRQIRFRFDGQPINETDTPAQLEM
EDEDTIDVFQQQTGGCMDPPSDAESPVTDDGFTLQLSQDASLCPSNSGTFSIIDVASDRRLFNTFIKEWKTKERYSLALA
CEKREHIQQPEGEIGGKHKRAPAARQKLNRTDGFPVRDSDGLVLIGLSVCWGARDSYYISLQQEQSKGLSSSLAPPPLDD
DLPVSERLGQVRSCLSRPSAGLRGGVVVTYDIIQVYKTLVLSCGISLAGNCEDPKVACWLLDPGSEERTLPNMVTVYCPE
ELPLLDGLGSAHAHCPRVRAATKSVLVHAVMNHLTGLLEKDSMLDLFRSIEMPSQVCLALLELNGVGFSVEECERQKHVM
QAKLTALESQAYNLAGHSFSLTSIDDIAQVLFLELHLPPNGDVGGSKSKKTLGYTRRGGGRVRLGKQFSTTKDILEKLRP
LHPLPGVILEWRRITNALTKVVFPLQREKQYHPTLAMDRIYPIAQTHTATGRVSFTEPNIQNVPKDFEICMPTVVGESPP
SQNGCQMTTKPGKNRRSVAPSVTGGAAEQGPAFSVSMRHAFVPFSGGMILAADYSQLELRVLAHLSKDQRLLQVLNGGAD
VFRCIAAEWKGVDPETVNDSLRQQAKQICYGIIYGMGAKSLGEQMGVEENDAACYIESFKARYKGINAFLKETVKNCIKN
GYVQTLMGRRRYLPGISNTNTHIKAHAERQAVNTTVQGSAADIVKLATVNIQKRLRKTYPTAPLSHQHTHSGTSQYRAGT
SHLRGAFFVLQLHDELIYETREEDLIQVAQIVKREMESAVKLYVKLKAKVKVGPSWGNLQDLDL
;
A
2 'polydeoxyribonucleotide'
;(DT)(DT)(DT)(DT)(DT)(DT)(DT)(DT)(DG)(DG)(DC)(DT)(DT)(DT)(DT)(DT)(DT)(DT)(DT)(DT)
(DG)(DC)(DC)(2DA)
;
E
#
# COMPACT_ATOMS: atom_id res chain seq x y z
N THR A 129 -36.36 0.26 -19.34
CA THR A 129 -36.55 -1.09 -19.83
C THR A 129 -35.80 -2.09 -18.95
N PHE A 130 -35.81 -1.85 -17.65
CA PHE A 130 -35.13 -2.73 -16.72
C PHE A 130 -35.90 -4.03 -16.54
N SER A 131 -35.23 -5.15 -16.78
CA SER A 131 -35.84 -6.47 -16.66
C SER A 131 -34.91 -7.39 -15.87
N ILE A 132 -35.51 -8.30 -15.12
CA ILE A 132 -34.79 -9.30 -14.35
C ILE A 132 -35.26 -10.69 -14.79
N ILE A 133 -34.31 -11.53 -15.16
CA ILE A 133 -34.61 -12.89 -15.62
C ILE A 133 -34.04 -13.87 -14.60
N ASP A 134 -34.91 -14.69 -14.02
CA ASP A 134 -34.50 -15.70 -13.04
C ASP A 134 -34.13 -16.98 -13.80
N VAL A 135 -32.85 -17.09 -14.15
CA VAL A 135 -32.39 -18.24 -14.91
C VAL A 135 -32.43 -19.51 -14.07
N ALA A 136 -32.28 -19.39 -12.75
CA ALA A 136 -32.31 -20.56 -11.88
C ALA A 136 -33.74 -20.95 -11.55
N SER A 137 -34.55 -21.17 -12.59
CA SER A 137 -35.94 -21.54 -12.41
C SER A 137 -36.25 -22.81 -13.19
N ASP A 138 -35.55 -23.03 -14.29
CA ASP A 138 -35.72 -24.20 -15.13
C ASP A 138 -34.36 -24.77 -15.49
N ARG A 139 -34.29 -26.10 -15.60
CA ARG A 139 -33.02 -26.74 -15.95
C ARG A 139 -32.56 -26.34 -17.35
N ARG A 140 -33.47 -26.39 -18.33
CA ARG A 140 -33.11 -26.00 -19.68
C ARG A 140 -32.80 -24.52 -19.76
N LEU A 141 -33.56 -23.69 -19.05
CA LEU A 141 -33.29 -22.25 -19.04
C LEU A 141 -31.91 -21.96 -18.44
N PHE A 142 -31.57 -22.63 -17.33
CA PHE A 142 -30.25 -22.44 -16.74
C PHE A 142 -29.16 -22.91 -17.68
N ASN A 143 -29.37 -24.06 -18.35
CA ASN A 143 -28.36 -24.58 -19.27
C ASN A 143 -28.11 -23.61 -20.42
N THR A 144 -29.18 -23.06 -21.00
CA THR A 144 -28.98 -22.13 -22.10
C THR A 144 -28.40 -20.80 -21.62
N PHE A 145 -28.76 -20.36 -20.41
CA PHE A 145 -28.14 -19.16 -19.88
C PHE A 145 -26.64 -19.35 -19.72
N ILE A 146 -26.23 -20.54 -19.24
CA ILE A 146 -24.80 -20.84 -19.14
C ILE A 146 -24.17 -20.89 -20.53
N LYS A 147 -24.89 -21.47 -21.50
CA LYS A 147 -24.32 -21.63 -22.84
C LYS A 147 -24.00 -20.29 -23.49
N GLU A 148 -24.96 -19.36 -23.49
CA GLU A 148 -24.64 -18.03 -24.01
C GLU A 148 -24.01 -17.08 -23.00
N TRP A 149 -23.80 -17.51 -21.76
CA TRP A 149 -22.95 -16.72 -20.85
C TRP A 149 -21.48 -17.02 -21.09
N LYS A 150 -21.14 -18.28 -21.36
CA LYS A 150 -19.75 -18.65 -21.60
C LYS A 150 -19.18 -17.99 -22.85
N THR A 151 -20.03 -17.55 -23.76
CA THR A 151 -19.59 -16.97 -25.03
C THR A 151 -19.45 -15.46 -24.99
N LYS A 152 -19.83 -14.80 -23.90
CA LYS A 152 -19.79 -13.35 -23.84
C LYS A 152 -18.38 -12.88 -23.50
N GLU A 153 -17.92 -11.85 -24.21
CA GLU A 153 -16.57 -11.34 -23.99
C GLU A 153 -16.49 -10.48 -22.73
N ARG A 154 -17.54 -9.71 -22.45
CA ARG A 154 -17.57 -8.84 -21.29
C ARG A 154 -18.92 -8.98 -20.60
N TYR A 155 -18.89 -9.06 -19.26
CA TYR A 155 -20.13 -9.11 -18.49
C TYR A 155 -19.88 -8.46 -17.13
N SER A 156 -20.96 -8.03 -16.51
CA SER A 156 -20.92 -7.40 -15.20
C SER A 156 -21.56 -8.32 -14.17
N LEU A 157 -20.97 -8.37 -12.98
CA LEU A 157 -21.38 -9.28 -11.93
C LEU A 157 -21.70 -8.52 -10.65
N ALA A 158 -22.75 -8.96 -9.96
CA ALA A 158 -23.09 -8.42 -8.65
C ALA A 158 -23.56 -9.55 -7.75
N LEU A 159 -23.39 -9.36 -6.45
CA LEU A 159 -23.72 -10.37 -5.45
C LEU A 159 -24.89 -9.90 -4.61
N ALA A 160 -25.73 -10.85 -4.18
CA ALA A 160 -26.85 -10.56 -3.28
C ALA A 160 -26.54 -11.20 -1.92
N CYS A 161 -26.58 -10.39 -0.87
CA CYS A 161 -26.22 -10.84 0.47
C CYS A 161 -27.25 -10.39 1.48
N GLU A 162 -27.47 -11.20 2.50
CA GLU A 162 -28.36 -10.85 3.60
C GLU A 162 -27.57 -10.23 4.75
N LYS A 163 -28.30 -9.74 5.75
CA LYS A 163 -27.69 -9.12 6.92
C LYS A 163 -27.10 -10.21 7.80
N ARG A 164 -25.79 -10.40 7.71
CA ARG A 164 -25.08 -11.41 8.47
C ARG A 164 -23.73 -10.83 8.90
N GLU A 165 -22.88 -11.68 9.47
CA GLU A 165 -21.52 -11.30 9.83
C GLU A 165 -20.59 -12.44 9.49
N HIS A 166 -19.29 -12.17 9.53
CA HIS A 166 -18.28 -13.18 9.23
C HIS A 166 -18.05 -14.08 10.44
N ASP A 198 -18.66 -16.53 5.47
CA ASP A 198 -19.98 -16.40 4.88
C ASP A 198 -20.50 -17.75 4.40
N SER A 199 -21.79 -17.80 4.07
CA SER A 199 -22.43 -19.01 3.58
C SER A 199 -23.06 -18.73 2.22
N ASP A 200 -23.01 -19.74 1.34
CA ASP A 200 -23.57 -19.62 0.01
C ASP A 200 -25.06 -19.91 -0.05
N GLY A 201 -25.68 -20.27 1.09
CA GLY A 201 -27.10 -20.52 1.12
C GLY A 201 -27.80 -19.68 2.17
N LEU A 202 -27.02 -19.05 3.05
CA LEU A 202 -27.55 -18.21 4.11
C LEU A 202 -27.17 -16.75 3.93
N VAL A 203 -25.88 -16.45 3.84
CA VAL A 203 -25.44 -15.07 3.64
C VAL A 203 -25.52 -14.68 2.18
N LEU A 204 -24.81 -15.41 1.32
CA LEU A 204 -24.84 -15.13 -0.11
C LEU A 204 -26.09 -15.76 -0.71
N ILE A 205 -27.01 -14.92 -1.20
CA ILE A 205 -28.26 -15.42 -1.76
C ILE A 205 -28.06 -15.87 -3.20
N GLY A 206 -27.40 -15.06 -4.00
CA GLY A 206 -27.18 -15.42 -5.39
C GLY A 206 -26.37 -14.37 -6.11
N LEU A 207 -26.29 -14.52 -7.42
CA LEU A 207 -25.53 -13.61 -8.27
C LEU A 207 -26.41 -13.08 -9.39
N SER A 208 -26.10 -11.87 -9.83
CA SER A 208 -26.77 -11.25 -10.96
C SER A 208 -25.73 -10.88 -12.02
N VAL A 209 -26.00 -11.25 -13.27
CA VAL A 209 -25.07 -11.05 -14.37
C VAL A 209 -25.76 -10.21 -15.44
N CYS A 210 -25.06 -9.19 -15.93
CA CYS A 210 -25.59 -8.28 -16.93
C CYS A 210 -24.68 -8.23 -18.14
N TRP A 211 -25.28 -8.23 -19.33
CA TRP A 211 -24.56 -8.06 -20.58
C TRP A 211 -24.87 -6.76 -21.30
N GLY A 212 -25.90 -6.02 -20.88
CA GLY A 212 -26.27 -4.77 -21.48
C GLY A 212 -27.76 -4.68 -21.72
N ALA A 213 -28.16 -3.54 -22.29
CA ALA A 213 -29.56 -3.27 -22.66
C ALA A 213 -30.49 -3.36 -21.47
N ARG A 214 -29.99 -3.03 -20.28
CA ARG A 214 -30.78 -3.00 -19.04
C ARG A 214 -31.43 -4.35 -18.72
N ASP A 215 -30.89 -5.44 -19.25
CA ASP A 215 -31.39 -6.78 -18.97
C ASP A 215 -30.36 -7.49 -18.09
N SER A 216 -30.80 -7.93 -16.91
CA SER A 216 -29.95 -8.60 -15.94
C SER A 216 -30.49 -9.99 -15.65
N TYR A 217 -29.59 -10.96 -15.56
CA TYR A 217 -29.95 -12.35 -15.30
C TYR A 217 -29.56 -12.66 -13.86
N TYR A 218 -30.53 -13.11 -13.07
CA TYR A 218 -30.33 -13.39 -11.65
C TYR A 218 -30.24 -14.89 -11.42
N ILE A 219 -29.19 -15.32 -10.73
CA ILE A 219 -28.98 -16.72 -10.38
C ILE A 219 -29.23 -16.87 -8.88
N SER A 220 -30.17 -17.73 -8.51
CA SER A 220 -30.53 -17.92 -7.11
C SER A 220 -29.86 -19.18 -6.60
N LEU A 221 -29.09 -19.05 -5.51
CA LEU A 221 -28.39 -20.16 -4.89
C LEU A 221 -29.16 -20.75 -3.72
N GLN A 222 -30.40 -20.31 -3.49
CA GLN A 222 -31.22 -20.82 -2.41
C GLN A 222 -32.00 -22.05 -2.86
N GLN A 223 -32.82 -22.57 -1.96
CA GLN A 223 -33.63 -23.75 -2.25
C GLN A 223 -35.03 -23.37 -2.71
N VAL A 244 -28.86 -27.27 -6.14
CA VAL A 244 -27.99 -26.13 -5.85
C VAL A 244 -26.56 -26.47 -6.23
N SER A 245 -26.20 -27.76 -6.06
CA SER A 245 -24.85 -28.19 -6.39
C SER A 245 -24.56 -28.03 -7.88
N GLU A 246 -25.53 -28.40 -8.73
CA GLU A 246 -25.34 -28.29 -10.18
C GLU A 246 -25.18 -26.84 -10.62
N ARG A 247 -26.06 -25.96 -10.13
CA ARG A 247 -25.97 -24.56 -10.51
C ARG A 247 -24.70 -23.92 -9.95
N LEU A 248 -24.29 -24.30 -8.74
CA LEU A 248 -23.05 -23.79 -8.19
C LEU A 248 -21.86 -24.23 -9.03
N GLY A 249 -21.86 -25.49 -9.47
CA GLY A 249 -20.78 -25.96 -10.33
C GLY A 249 -20.73 -25.24 -11.66
N GLN A 250 -21.90 -25.01 -12.26
CA GLN A 250 -21.94 -24.27 -13.52
C GLN A 250 -21.44 -22.84 -13.34
N VAL A 251 -21.85 -22.19 -12.24
CA VAL A 251 -21.39 -20.82 -11.97
C VAL A 251 -19.88 -20.81 -11.72
N ARG A 252 -19.36 -21.82 -11.03
CA ARG A 252 -17.92 -21.90 -10.81
C ARG A 252 -17.18 -22.09 -12.12
N SER A 253 -17.71 -22.91 -13.01
CA SER A 253 -17.08 -23.10 -14.32
C SER A 253 -17.10 -21.80 -15.13
N CYS A 254 -18.21 -21.05 -15.07
CA CYS A 254 -18.31 -19.82 -15.84
C CYS A 254 -17.41 -18.72 -15.27
N LEU A 255 -17.37 -18.59 -13.95
CA LEU A 255 -16.63 -17.49 -13.33
C LEU A 255 -15.13 -17.73 -13.33
N SER A 256 -14.70 -18.97 -13.18
CA SER A 256 -13.27 -19.30 -13.13
C SER A 256 -12.83 -19.71 -14.53
N ARG A 257 -12.16 -18.78 -15.24
CA ARG A 257 -11.68 -19.00 -16.59
C ARG A 257 -12.80 -19.48 -17.52
N PRO A 258 -13.72 -18.59 -17.92
CA PRO A 258 -14.89 -18.92 -18.76
C PRO A 258 -14.54 -19.76 -19.99
N GLY A 264 -12.90 -13.48 -24.43
CA GLY A 264 -12.48 -12.49 -23.46
C GLY A 264 -12.81 -12.87 -22.03
N GLY A 265 -14.11 -12.93 -21.72
CA GLY A 265 -14.54 -13.28 -20.38
C GLY A 265 -14.14 -12.28 -19.32
N VAL A 266 -14.26 -10.99 -19.62
CA VAL A 266 -13.91 -9.94 -18.68
C VAL A 266 -15.09 -9.72 -17.72
N VAL A 267 -14.82 -9.78 -16.43
CA VAL A 267 -15.83 -9.60 -15.40
C VAL A 267 -15.67 -8.22 -14.78
N VAL A 268 -16.75 -7.46 -14.76
CA VAL A 268 -16.76 -6.11 -14.21
C VAL A 268 -17.58 -6.13 -12.93
N THR A 269 -16.93 -5.80 -11.82
CA THR A 269 -17.58 -5.77 -10.52
C THR A 269 -17.18 -4.52 -9.77
N TYR A 270 -18.13 -3.92 -9.06
CA TYR A 270 -17.82 -2.81 -8.17
C TYR A 270 -17.12 -3.33 -6.92
N ASP A 271 -16.00 -2.73 -6.56
CA ASP A 271 -15.20 -3.13 -5.41
C ASP A 271 -14.72 -4.59 -5.58
N ILE A 272 -13.84 -4.77 -6.57
CA ILE A 272 -13.37 -6.10 -6.96
C ILE A 272 -12.79 -6.85 -5.76
N ILE A 273 -12.09 -6.14 -4.86
CA ILE A 273 -11.49 -6.79 -3.70
C ILE A 273 -12.59 -7.37 -2.80
N GLN A 274 -13.63 -6.57 -2.53
CA GLN A 274 -14.72 -7.03 -1.69
C GLN A 274 -15.46 -8.19 -2.33
N VAL A 275 -15.72 -8.10 -3.64
CA VAL A 275 -16.43 -9.18 -4.32
C VAL A 275 -15.60 -10.46 -4.33
N TYR A 276 -14.31 -10.35 -4.62
CA TYR A 276 -13.44 -11.52 -4.63
C TYR A 276 -13.38 -12.18 -3.26
N LYS A 277 -13.18 -11.38 -2.21
CA LYS A 277 -13.11 -11.92 -0.87
C LYS A 277 -14.43 -12.55 -0.45
N THR A 278 -15.54 -11.91 -0.79
CA THR A 278 -16.85 -12.47 -0.43
C THR A 278 -17.10 -13.79 -1.14
N LEU A 279 -16.79 -13.87 -2.43
CA LEU A 279 -16.96 -15.12 -3.15
C LEU A 279 -16.10 -16.23 -2.55
N VAL A 280 -14.83 -15.93 -2.26
CA VAL A 280 -13.93 -16.93 -1.72
C VAL A 280 -14.41 -17.41 -0.36
N LEU A 281 -14.81 -16.48 0.51
CA LEU A 281 -15.22 -16.85 1.87
C LEU A 281 -16.60 -17.48 1.91
N SER A 282 -17.44 -17.27 0.91
CA SER A 282 -18.79 -17.82 0.93
C SER A 282 -18.89 -19.15 0.19
N CYS A 283 -18.57 -19.15 -1.11
CA CYS A 283 -18.77 -20.34 -1.93
C CYS A 283 -17.48 -20.93 -2.46
N GLY A 284 -16.32 -20.39 -2.07
CA GLY A 284 -15.05 -20.92 -2.53
C GLY A 284 -14.84 -20.77 -4.02
N ILE A 285 -15.24 -19.65 -4.59
CA ILE A 285 -15.05 -19.37 -6.01
C ILE A 285 -14.06 -18.21 -6.12
N SER A 286 -12.97 -18.44 -6.84
CA SER A 286 -11.94 -17.43 -7.06
C SER A 286 -12.09 -16.87 -8.46
N LEU A 287 -12.17 -15.54 -8.55
CA LEU A 287 -12.37 -14.89 -9.84
C LEU A 287 -11.10 -14.97 -10.68
N ALA A 288 -11.01 -15.99 -11.52
CA ALA A 288 -9.87 -16.18 -12.41
C ALA A 288 -10.20 -15.61 -13.78
N GLY A 289 -9.30 -14.77 -14.31
CA GLY A 289 -9.49 -14.12 -15.58
C GLY A 289 -9.24 -12.64 -15.46
N ASN A 290 -9.79 -11.88 -16.40
CA ASN A 290 -9.62 -10.43 -16.43
C ASN A 290 -10.75 -9.77 -15.65
N CYS A 291 -10.39 -9.01 -14.62
CA CYS A 291 -11.34 -8.28 -13.80
C CYS A 291 -11.23 -6.79 -14.07
N GLU A 292 -12.34 -6.09 -13.85
CA GLU A 292 -12.38 -4.64 -14.00
C GLU A 292 -13.22 -4.05 -12.87
N ASP A 293 -12.92 -2.81 -12.53
CA ASP A 293 -13.59 -2.13 -11.42
C ASP A 293 -13.75 -0.65 -11.73
N PRO A 294 -14.98 -0.13 -11.74
CA PRO A 294 -15.16 1.31 -12.00
C PRO A 294 -14.47 2.20 -10.98
N LYS A 295 -14.28 1.73 -9.75
CA LYS A 295 -13.56 2.54 -8.76
C LYS A 295 -12.11 2.78 -9.18
N VAL A 296 -11.45 1.74 -9.68
CA VAL A 296 -10.07 1.88 -10.12
C VAL A 296 -9.99 2.81 -11.32
N ALA A 297 -10.92 2.68 -12.26
CA ALA A 297 -10.93 3.57 -13.42
C ALA A 297 -11.15 5.02 -13.01
N CYS A 298 -12.08 5.26 -12.08
CA CYS A 298 -12.32 6.63 -11.61
C CYS A 298 -11.10 7.20 -10.89
N TRP A 299 -10.41 6.36 -10.12
CA TRP A 299 -9.17 6.81 -9.49
C TRP A 299 -8.11 7.13 -10.54
N LEU A 300 -8.03 6.32 -11.60
CA LEU A 300 -7.07 6.58 -12.67
C LEU A 300 -7.37 7.90 -13.37
N LEU A 301 -8.66 8.21 -13.55
CA LEU A 301 -9.03 9.46 -14.21
C LEU A 301 -8.59 10.67 -13.40
N ASP A 302 -8.72 10.62 -12.08
CA ASP A 302 -8.31 11.72 -11.22
C ASP A 302 -7.93 11.17 -9.86
N PRO A 303 -6.63 10.88 -9.65
CA PRO A 303 -6.20 10.33 -8.35
C PRO A 303 -6.46 11.26 -7.18
N GLY A 304 -6.45 12.57 -7.39
CA GLY A 304 -6.67 13.51 -6.31
C GLY A 304 -8.12 13.76 -5.94
N SER A 305 -9.06 13.14 -6.66
CA SER A 305 -10.47 13.33 -6.38
C SER A 305 -10.90 12.47 -5.19
N GLU A 306 -12.17 12.57 -4.84
CA GLU A 306 -12.73 11.81 -3.72
C GLU A 306 -13.26 10.47 -4.22
N GLU A 307 -13.26 9.49 -3.32
CA GLU A 307 -13.77 8.16 -3.63
C GLU A 307 -15.30 8.22 -3.72
N ARG A 308 -15.82 8.16 -4.94
CA ARG A 308 -17.25 8.30 -5.16
C ARG A 308 -17.94 6.94 -5.14
N THR A 309 -19.13 6.91 -4.54
CA THR A 309 -19.93 5.70 -4.52
C THR A 309 -20.52 5.44 -5.91
N LEU A 310 -21.12 4.26 -6.06
CA LEU A 310 -21.72 3.91 -7.35
C LEU A 310 -22.81 4.88 -7.79
N PRO A 311 -23.81 5.23 -6.95
CA PRO A 311 -24.78 6.24 -7.39
C PRO A 311 -24.14 7.56 -7.76
N ASN A 312 -23.12 7.97 -7.00
CA ASN A 312 -22.39 9.19 -7.34
C ASN A 312 -21.78 9.10 -8.73
N MET A 313 -21.36 7.92 -9.15
CA MET A 313 -20.89 7.74 -10.52
C MET A 313 -22.03 7.94 -11.51
N VAL A 314 -23.21 7.36 -11.21
CA VAL A 314 -24.31 7.38 -12.15
C VAL A 314 -24.77 8.80 -12.41
N THR A 315 -24.77 9.64 -11.38
CA THR A 315 -25.15 11.04 -11.58
C THR A 315 -24.18 11.76 -12.48
N VAL A 316 -22.90 11.38 -12.45
CA VAL A 316 -21.87 12.10 -13.19
C VAL A 316 -21.65 11.49 -14.57
N TYR A 317 -21.26 10.22 -14.61
CA TYR A 317 -20.80 9.63 -15.87
C TYR A 317 -21.95 9.20 -16.77
N CYS A 318 -22.92 8.46 -16.22
CA CYS A 318 -24.00 7.87 -17.00
C CYS A 318 -25.33 8.29 -16.40
N PRO A 319 -25.78 9.51 -16.67
CA PRO A 319 -27.03 10.00 -16.07
C PRO A 319 -28.29 9.48 -16.73
N GLU A 320 -28.18 8.77 -17.85
CA GLU A 320 -29.37 8.23 -18.50
C GLU A 320 -30.00 7.10 -17.71
N GLU A 321 -29.25 6.49 -16.77
CA GLU A 321 -29.77 5.44 -15.91
C GLU A 321 -30.17 5.98 -14.53
N LEU A 322 -30.43 7.28 -14.43
CA LEU A 322 -30.86 7.85 -13.16
C LEU A 322 -32.13 7.22 -12.60
N PRO A 323 -33.19 6.98 -13.38
CA PRO A 323 -34.39 6.33 -12.81
C PRO A 323 -34.12 4.95 -12.24
N LEU A 324 -33.11 4.23 -12.74
CA LEU A 324 -32.81 2.90 -12.23
C LEU A 324 -32.21 2.93 -10.83
N LEU A 325 -31.74 4.09 -10.35
CA LEU A 325 -31.19 4.16 -9.01
C LEU A 325 -32.24 3.88 -7.95
N ASP A 326 -33.51 4.08 -8.26
CA ASP A 326 -34.60 3.68 -7.37
C ASP A 326 -34.73 2.17 -7.43
N GLY A 327 -34.15 1.49 -6.43
CA GLY A 327 -34.07 0.04 -6.46
C GLY A 327 -32.78 -0.46 -5.84
N LEU A 328 -31.82 0.44 -5.66
CA LEU A 328 -30.59 0.08 -4.95
C LEU A 328 -30.81 0.23 -3.44
N GLY A 329 -31.89 -0.35 -2.94
CA GLY A 329 -32.19 -0.35 -1.53
C GLY A 329 -32.38 1.04 -0.95
N SER A 330 -32.18 1.11 0.37
CA SER A 330 -32.30 2.35 1.12
C SER A 330 -31.54 2.17 2.44
N ALA A 331 -31.71 3.12 3.35
CA ALA A 331 -31.05 3.02 4.65
C ALA A 331 -31.65 1.93 5.53
N HIS A 332 -32.88 1.51 5.26
CA HIS A 332 -33.57 0.54 6.09
C HIS A 332 -33.84 -0.77 5.36
N ALA A 333 -34.50 -0.72 4.20
CA ALA A 333 -34.94 -1.91 3.49
C ALA A 333 -34.25 -1.99 2.13
N HIS A 334 -33.93 -3.22 1.73
CA HIS A 334 -33.34 -3.47 0.42
C HIS A 334 -33.63 -4.90 0.01
N CYS A 335 -34.09 -5.09 -1.21
CA CYS A 335 -34.30 -6.43 -1.74
C CYS A 335 -32.99 -6.93 -2.36
N PRO A 336 -32.38 -7.99 -1.83
CA PRO A 336 -31.07 -8.41 -2.35
C PRO A 336 -31.07 -8.75 -3.83
N ARG A 337 -32.14 -9.37 -4.33
CA ARG A 337 -32.18 -9.73 -5.75
C ARG A 337 -32.30 -8.49 -6.63
N VAL A 338 -33.25 -7.61 -6.30
CA VAL A 338 -33.44 -6.40 -7.09
C VAL A 338 -32.23 -5.50 -6.98
N ARG A 339 -31.68 -5.36 -5.77
CA ARG A 339 -30.49 -4.53 -5.59
C ARG A 339 -29.31 -5.09 -6.38
N ALA A 340 -29.13 -6.41 -6.37
CA ALA A 340 -28.03 -7.00 -7.13
C ALA A 340 -28.20 -6.79 -8.62
N ALA A 341 -29.42 -7.00 -9.15
CA ALA A 341 -29.64 -6.79 -10.57
C ALA A 341 -29.42 -5.34 -10.97
N THR A 342 -29.95 -4.40 -10.17
CA THR A 342 -29.75 -2.99 -10.45
C THR A 342 -28.28 -2.61 -10.39
N LYS A 343 -27.56 -3.13 -9.40
CA LYS A 343 -26.14 -2.84 -9.29
C LYS A 343 -25.36 -3.37 -10.48
N SER A 344 -25.69 -4.57 -10.93
CA SER A 344 -25.01 -5.12 -12.10
C SER A 344 -25.27 -4.27 -13.34
N VAL A 345 -26.52 -3.87 -13.55
CA VAL A 345 -26.84 -3.04 -14.72
C VAL A 345 -26.12 -1.70 -14.65
N LEU A 346 -26.13 -1.06 -13.47
CA LEU A 346 -25.49 0.24 -13.33
C LEU A 346 -23.97 0.13 -13.50
N VAL A 347 -23.36 -0.93 -12.97
CA VAL A 347 -21.93 -1.12 -13.12
C VAL A 347 -21.58 -1.34 -14.59
N HIS A 348 -22.38 -2.13 -15.30
CA HIS A 348 -22.13 -2.33 -16.73
C HIS A 348 -22.25 -1.02 -17.49
N ALA A 349 -23.25 -0.21 -17.16
CA ALA A 349 -23.41 1.08 -17.82
C ALA A 349 -22.24 2.01 -17.53
N VAL A 350 -21.77 2.02 -16.27
CA VAL A 350 -20.68 2.91 -15.89
C VAL A 350 -19.37 2.52 -16.57
N MET A 351 -19.06 1.22 -16.57
CA MET A 351 -17.86 0.75 -17.26
C MET A 351 -18.19 0.50 -18.73
N ASN A 352 -18.84 1.49 -19.34
CA ASN A 352 -18.89 1.65 -20.78
C ASN A 352 -18.62 3.09 -21.19
N HIS A 353 -18.85 4.05 -20.30
CA HIS A 353 -18.34 5.41 -20.43
C HIS A 353 -16.96 5.55 -19.82
N LEU A 354 -16.67 4.79 -18.75
CA LEU A 354 -15.34 4.86 -18.16
C LEU A 354 -14.29 4.25 -19.09
N THR A 355 -14.63 3.15 -19.78
CA THR A 355 -13.70 2.54 -20.71
C THR A 355 -13.48 3.40 -21.95
N GLY A 356 -14.35 4.36 -22.22
CA GLY A 356 -14.14 5.29 -23.32
C GLY A 356 -13.39 6.53 -22.87
N LEU A 357 -13.60 6.92 -21.61
CA LEU A 357 -12.82 8.02 -21.05
C LEU A 357 -11.37 7.61 -20.83
N LEU A 358 -11.13 6.34 -20.52
CA LEU A 358 -9.77 5.85 -20.31
C LEU A 358 -9.02 5.61 -21.61
N GLU A 359 -9.72 5.49 -22.74
CA GLU A 359 -9.04 5.27 -24.01
C GLU A 359 -8.42 6.55 -24.54
N LYS A 360 -9.08 7.69 -24.32
CA LYS A 360 -8.55 8.97 -24.79
C LYS A 360 -7.39 9.45 -23.93
N ASP A 361 -7.23 8.91 -22.73
CA ASP A 361 -6.11 9.24 -21.86
C ASP A 361 -4.96 8.24 -21.96
N SER A 362 -5.09 7.23 -22.84
CA SER A 362 -4.08 6.20 -23.06
C SER A 362 -3.78 5.41 -21.79
N MET A 363 -4.71 5.36 -20.85
CA MET A 363 -4.58 4.59 -19.63
C MET A 363 -5.37 3.29 -19.67
N LEU A 364 -5.93 2.93 -20.82
CA LEU A 364 -6.75 1.73 -20.90
C LEU A 364 -5.89 0.47 -20.79
N ASP A 365 -4.77 0.42 -21.52
CA ASP A 365 -3.88 -0.74 -21.41
C ASP A 365 -3.24 -0.83 -20.03
N LEU A 366 -2.90 0.32 -19.45
CA LEU A 366 -2.40 0.34 -18.08
C LEU A 366 -3.44 -0.16 -17.09
N PHE A 367 -4.71 0.21 -17.31
CA PHE A 367 -5.79 -0.20 -16.41
C PHE A 367 -5.96 -1.71 -16.42
N ARG A 368 -5.89 -2.33 -17.60
CA ARG A 368 -6.17 -3.74 -17.74
C ARG A 368 -4.97 -4.64 -17.49
N SER A 369 -3.77 -4.09 -17.34
CA SER A 369 -2.56 -4.89 -17.23
C SER A 369 -1.81 -4.73 -15.92
N ILE A 370 -1.92 -3.59 -15.26
CA ILE A 370 -1.17 -3.30 -14.03
C ILE A 370 -2.11 -3.10 -12.85
N GLU A 371 -3.08 -2.21 -12.98
CA GLU A 371 -3.89 -1.81 -11.83
C GLU A 371 -4.82 -2.94 -11.38
N MET A 372 -5.53 -3.56 -12.33
CA MET A 372 -6.48 -4.61 -11.95
C MET A 372 -5.79 -5.84 -11.39
N PRO A 373 -4.75 -6.41 -12.01
CA PRO A 373 -4.04 -7.51 -11.36
C PRO A 373 -3.43 -7.12 -10.02
N SER A 374 -3.03 -5.85 -9.87
CA SER A 374 -2.59 -5.37 -8.56
C SER A 374 -3.72 -5.46 -7.54
N GLN A 375 -4.95 -5.13 -7.96
CA GLN A 375 -6.09 -5.25 -7.07
C GLN A 375 -6.35 -6.71 -6.68
N VAL A 376 -6.22 -7.62 -7.64
CA VAL A 376 -6.39 -9.04 -7.33
C VAL A 376 -5.31 -9.51 -6.35
N CYS A 377 -4.07 -9.07 -6.56
CA CYS A 377 -2.99 -9.44 -5.65
C CYS A 377 -3.22 -8.87 -4.26
N LEU A 378 -3.76 -7.65 -4.18
CA LEU A 378 -4.08 -7.08 -2.88
C LEU A 378 -5.21 -7.84 -2.20
N ALA A 379 -6.18 -8.33 -2.98
CA ALA A 379 -7.22 -9.18 -2.41
C ALA A 379 -6.63 -10.46 -1.85
N LEU A 380 -5.69 -11.07 -2.58
CA LEU A 380 -5.01 -12.26 -2.08
C LEU A 380 -4.22 -11.95 -0.82
N LEU A 381 -3.58 -10.78 -0.77
CA LEU A 381 -2.85 -10.37 0.42
C LEU A 381 -3.78 -10.22 1.62
N GLU A 382 -4.94 -9.61 1.40
CA GLU A 382 -5.91 -9.45 2.49
C GLU A 382 -6.42 -10.81 2.95
N LEU A 383 -6.64 -11.74 2.02
CA LEU A 383 -7.06 -13.08 2.40
C LEU A 383 -5.98 -13.80 3.19
N ASN A 384 -4.72 -13.63 2.81
CA ASN A 384 -3.62 -14.33 3.47
C ASN A 384 -3.46 -13.88 4.92
N GLY A 385 -3.37 -12.58 5.14
CA GLY A 385 -3.02 -12.06 6.44
C GLY A 385 -1.54 -12.30 6.74
N VAL A 386 -1.10 -11.80 7.89
CA VAL A 386 0.27 -11.94 8.33
C VAL A 386 0.26 -12.54 9.73
N GLY A 387 1.13 -13.53 9.96
CA GLY A 387 1.18 -14.17 11.26
C GLY A 387 1.53 -13.18 12.37
N PHE A 388 1.06 -13.48 13.57
CA PHE A 388 1.28 -12.59 14.71
C PHE A 388 1.33 -13.45 15.97
N SER A 389 2.51 -13.57 16.57
CA SER A 389 2.70 -14.37 17.76
C SER A 389 2.40 -13.52 18.99
N VAL A 390 1.37 -13.91 19.74
CA VAL A 390 1.00 -13.17 20.95
C VAL A 390 2.06 -13.33 22.03
N GLU A 391 2.76 -14.48 22.04
CA GLU A 391 3.75 -14.73 23.09
C GLU A 391 4.87 -13.70 23.06
N GLU A 392 5.41 -13.42 21.87
CA GLU A 392 6.45 -12.41 21.74
C GLU A 392 5.92 -11.03 22.07
N CYS A 393 4.72 -10.70 21.57
CA CYS A 393 4.14 -9.38 21.82
C CYS A 393 3.89 -9.17 23.30
N GLU A 394 3.50 -10.23 24.02
CA GLU A 394 3.31 -10.11 25.46
C GLU A 394 4.61 -9.77 26.18
N ARG A 395 5.70 -10.43 25.80
CA ARG A 395 7.00 -10.12 26.41
C ARG A 395 7.41 -8.69 26.11
N GLN A 396 7.25 -8.25 24.86
CA GLN A 396 7.57 -6.87 24.51
C GLN A 396 6.74 -5.90 25.34
N LYS A 397 5.43 -6.16 25.44
CA LYS A 397 4.55 -5.26 26.20
C LYS A 397 4.96 -5.20 27.66
N HIS A 398 5.32 -6.34 28.25
CA HIS A 398 5.80 -6.35 29.62
C HIS A 398 7.06 -5.49 29.75
N VAL A 399 7.98 -5.61 28.80
CA VAL A 399 9.20 -4.80 28.85
C VAL A 399 8.87 -3.31 28.77
N MET A 400 7.98 -2.92 27.86
CA MET A 400 7.63 -1.50 27.78
C MET A 400 6.94 -1.01 29.04
N GLN A 401 6.05 -1.82 29.63
CA GLN A 401 5.41 -1.38 30.88
C GLN A 401 6.42 -1.20 32.00
N ALA A 402 7.37 -2.14 32.12
CA ALA A 402 8.42 -1.99 33.13
C ALA A 402 9.24 -0.75 32.86
N LYS A 403 9.52 -0.45 31.60
CA LYS A 403 10.30 0.74 31.27
C LYS A 403 9.54 2.01 31.59
N LEU A 404 8.23 2.03 31.36
CA LEU A 404 7.43 3.19 31.80
C LEU A 404 7.47 3.35 33.30
N THR A 405 7.37 2.26 34.04
CA THR A 405 7.46 2.37 35.50
C THR A 405 8.80 2.97 35.92
N ALA A 406 9.89 2.46 35.34
CA ALA A 406 11.22 2.97 35.67
C ALA A 406 11.37 4.45 35.28
N LEU A 407 10.88 4.81 34.09
CA LEU A 407 11.00 6.19 33.62
C LEU A 407 10.19 7.15 34.48
N GLU A 408 8.99 6.75 34.88
CA GLU A 408 8.18 7.58 35.76
C GLU A 408 8.86 7.74 37.12
N SER A 409 9.43 6.65 37.64
CA SER A 409 10.14 6.75 38.91
C SER A 409 11.33 7.70 38.81
N GLN A 410 12.08 7.61 37.71
CA GLN A 410 13.24 8.49 37.53
C GLN A 410 12.80 9.95 37.36
N ALA A 411 11.75 10.19 36.57
CA ALA A 411 11.31 11.56 36.32
C ALA A 411 10.76 12.20 37.60
N TYR A 412 10.00 11.44 38.39
CA TYR A 412 9.51 11.99 39.65
C TYR A 412 10.65 12.27 40.61
N ASN A 413 11.75 11.54 40.51
CA ASN A 413 12.92 11.84 41.32
C ASN A 413 13.51 13.20 40.94
N LEU A 414 13.52 13.53 39.65
CA LEU A 414 14.08 14.80 39.20
C LEU A 414 13.19 15.97 39.60
N ALA A 415 11.89 15.75 39.74
CA ALA A 415 10.95 16.82 40.08
C ALA A 415 10.55 16.82 41.55
N GLY A 416 10.41 15.65 42.16
CA GLY A 416 9.99 15.55 43.54
C GLY A 416 8.49 15.49 43.75
N HIS A 417 7.70 15.67 42.70
CA HIS A 417 6.25 15.63 42.77
C HIS A 417 5.71 14.70 41.69
N SER A 418 4.50 14.21 41.91
CA SER A 418 3.86 13.25 41.01
C SER A 418 2.96 14.03 40.05
N PHE A 419 3.49 14.32 38.87
CA PHE A 419 2.76 15.05 37.84
C PHE A 419 2.57 14.15 36.61
N SER A 420 1.48 14.39 35.90
CA SER A 420 1.17 13.63 34.70
C SER A 420 2.12 14.00 33.57
N LEU A 421 2.50 13.01 32.78
CA LEU A 421 3.47 13.21 31.71
C LEU A 421 2.86 13.07 30.32
N THR A 422 1.64 12.55 30.20
CA THR A 422 1.01 12.38 28.90
C THR A 422 0.51 13.71 28.32
N SER A 423 0.27 14.71 29.16
CA SER A 423 -0.24 16.00 28.71
C SER A 423 0.92 16.93 28.38
N ILE A 424 0.92 17.46 27.16
CA ILE A 424 1.99 18.34 26.72
C ILE A 424 2.03 19.59 27.59
N ASP A 425 0.86 20.09 27.99
CA ASP A 425 0.80 21.28 28.84
C ASP A 425 1.49 21.06 30.17
N ASP A 426 1.43 19.84 30.71
CA ASP A 426 2.08 19.56 31.98
C ASP A 426 3.59 19.75 31.88
N ILE A 427 4.20 19.28 30.80
CA ILE A 427 5.61 19.57 30.55
C ILE A 427 5.81 21.06 30.30
N ALA A 428 4.84 21.71 29.64
CA ALA A 428 4.97 23.12 29.31
C ALA A 428 5.11 23.97 30.56
N GLN A 429 4.21 23.79 31.53
CA GLN A 429 4.36 24.51 32.80
C GLN A 429 5.50 23.92 33.62
N VAL A 430 6.11 24.78 34.45
CA VAL A 430 7.19 24.42 35.37
C VAL A 430 8.40 23.92 34.59
N LEU A 431 8.27 22.75 33.99
CA LEU A 431 9.39 22.17 33.25
C LEU A 431 9.72 23.01 32.03
N PHE A 432 11.02 23.24 31.82
CA PHE A 432 11.55 23.99 30.68
C PHE A 432 11.05 25.42 30.60
N LEU A 433 10.38 25.91 31.65
CA LEU A 433 9.95 27.30 31.67
C LEU A 433 11.04 28.21 32.23
N GLU A 434 11.70 27.79 33.30
CA GLU A 434 12.84 28.49 33.86
C GLU A 434 14.11 27.66 33.88
N LEU A 435 14.00 26.34 33.90
CA LEU A 435 15.19 25.49 33.85
C LEU A 435 15.91 25.61 32.51
N HIS A 436 15.15 25.65 31.42
CA HIS A 436 15.73 25.73 30.09
C HIS A 436 15.07 26.81 29.26
N LEU A 437 15.41 26.88 27.97
CA LEU A 437 14.84 27.85 27.05
C LEU A 437 14.87 27.27 25.65
N PRO A 438 13.88 27.61 24.80
CA PRO A 438 13.78 27.14 23.41
C PRO A 438 15.09 27.26 22.63
N PHE A 468 4.78 25.45 24.45
CA PHE A 468 5.98 26.08 23.90
C PHE A 468 6.54 25.29 22.73
N SER A 469 5.64 24.70 21.94
CA SER A 469 6.01 23.88 20.79
C SER A 469 6.98 22.77 21.19
N THR A 470 6.69 22.13 22.32
CA THR A 470 7.53 21.07 22.87
C THR A 470 7.32 19.80 22.05
N THR A 471 8.16 19.62 21.04
CA THR A 471 8.10 18.46 20.16
C THR A 471 9.45 17.73 20.18
N LYS A 472 9.58 16.73 19.31
CA LYS A 472 10.80 15.93 19.26
C LYS A 472 11.99 16.77 18.81
N ASP A 473 11.78 17.67 17.84
CA ASP A 473 12.90 18.40 17.25
C ASP A 473 13.54 19.37 18.23
N ILE A 474 12.72 20.10 19.00
CA ILE A 474 13.27 21.14 19.87
C ILE A 474 14.05 20.53 21.03
N LEU A 475 13.52 19.47 21.64
CA LEU A 475 14.19 18.86 22.78
C LEU A 475 15.41 18.04 22.37
N GLU A 476 15.51 17.68 21.09
CA GLU A 476 16.69 16.97 20.62
C GLU A 476 17.94 17.82 20.78
N LYS A 477 17.83 19.12 20.48
CA LYS A 477 18.95 20.03 20.68
C LYS A 477 19.27 20.20 22.17
N LEU A 478 18.28 20.01 23.04
CA LEU A 478 18.50 20.08 24.48
C LEU A 478 18.97 18.76 25.09
N ARG A 479 18.96 17.68 24.31
CA ARG A 479 19.45 16.40 24.81
C ARG A 479 20.89 16.45 25.32
N PRO A 480 21.85 17.12 24.66
CA PRO A 480 23.19 17.20 25.24
C PRO A 480 23.23 17.91 26.59
N LEU A 481 22.22 18.72 26.91
CA LEU A 481 22.11 19.35 28.22
C LEU A 481 21.58 18.36 29.23
N HIS A 482 21.11 18.86 30.39
CA HIS A 482 20.48 18.07 31.45
C HIS A 482 19.59 16.99 30.85
N PRO A 483 19.64 15.75 31.35
CA PRO A 483 18.99 14.64 30.66
C PRO A 483 17.49 14.54 30.86
N LEU A 484 16.83 15.58 31.38
CA LEU A 484 15.38 15.55 31.48
C LEU A 484 14.69 15.43 30.12
N PRO A 485 15.06 16.21 29.08
CA PRO A 485 14.45 15.99 27.77
C PRO A 485 14.68 14.59 27.22
N GLY A 486 15.83 13.97 27.50
CA GLY A 486 16.05 12.62 27.02
C GLY A 486 15.06 11.63 27.61
N VAL A 487 14.79 11.75 28.92
CA VAL A 487 13.81 10.88 29.56
C VAL A 487 12.43 11.10 28.96
N ILE A 488 12.07 12.37 28.72
CA ILE A 488 10.75 12.67 28.15
C ILE A 488 10.62 12.10 26.75
N LEU A 489 11.67 12.23 25.92
CA LEU A 489 11.62 11.65 24.57
C LEU A 489 11.51 10.14 24.63
N GLU A 490 12.28 9.49 25.51
CA GLU A 490 12.19 8.04 25.61
C GLU A 490 10.80 7.61 26.04
N TRP A 491 10.24 8.29 27.05
CA TRP A 491 8.90 7.96 27.52
C TRP A 491 7.87 8.18 26.43
N ARG A 492 7.98 9.28 25.69
CA ARG A 492 7.02 9.58 24.63
C ARG A 492 7.08 8.54 23.52
N ARG A 493 8.29 8.17 23.10
CA ARG A 493 8.43 7.16 22.06
C ARG A 493 7.84 5.83 22.50
N ILE A 494 8.16 5.40 23.72
CA ILE A 494 7.69 4.09 24.18
C ILE A 494 6.18 4.10 24.39
N THR A 495 5.65 5.21 24.92
CA THR A 495 4.20 5.33 25.13
C THR A 495 3.46 5.35 23.80
N ASN A 496 3.99 6.06 22.81
CA ASN A 496 3.37 6.06 21.49
C ASN A 496 3.38 4.67 20.87
N ALA A 497 4.50 3.95 21.03
CA ALA A 497 4.56 2.58 20.55
C ALA A 497 3.51 1.71 21.22
N LEU A 498 3.41 1.81 22.55
CA LEU A 498 2.42 1.02 23.28
C LEU A 498 1.00 1.35 22.83
N THR A 499 0.70 2.64 22.65
CA THR A 499 -0.66 3.04 22.35
C THR A 499 -1.04 2.68 20.91
N LYS A 500 -0.09 2.74 19.98
CA LYS A 500 -0.42 2.64 18.57
C LYS A 500 0.00 1.34 17.90
N VAL A 501 0.70 0.45 18.60
CA VAL A 501 1.13 -0.78 17.93
C VAL A 501 0.61 -2.02 18.66
N VAL A 502 1.05 -2.22 19.90
CA VAL A 502 0.74 -3.47 20.59
C VAL A 502 -0.75 -3.55 20.91
N PHE A 503 -1.32 -2.47 21.46
CA PHE A 503 -2.74 -2.50 21.83
C PHE A 503 -3.66 -2.65 20.62
N PRO A 504 -3.51 -1.87 19.54
CA PRO A 504 -4.38 -2.12 18.37
C PRO A 504 -4.17 -3.49 17.74
N LEU A 505 -2.95 -4.01 17.74
CA LEU A 505 -2.69 -5.30 17.10
C LEU A 505 -3.11 -6.48 17.96
N GLN A 506 -3.33 -6.28 19.25
CA GLN A 506 -3.76 -7.37 20.12
C GLN A 506 -5.25 -7.65 20.05
N ARG A 507 -6.04 -6.75 19.44
CA ARG A 507 -7.48 -6.93 19.37
C ARG A 507 -7.98 -7.31 17.97
N GLU A 508 -7.23 -6.99 16.92
CA GLU A 508 -7.65 -7.30 15.56
C GLU A 508 -7.14 -8.65 15.07
N LYS A 509 -6.47 -9.43 15.93
CA LYS A 509 -5.99 -10.74 15.53
C LYS A 509 -7.15 -11.74 15.46
N GLN A 510 -7.04 -12.66 14.52
CA GLN A 510 -8.01 -13.74 14.35
C GLN A 510 -7.27 -15.06 14.35
N TYR A 511 -7.83 -16.07 15.01
CA TYR A 511 -7.19 -17.37 15.15
C TYR A 511 -7.54 -18.23 13.94
N HIS A 512 -6.60 -18.34 13.00
CA HIS A 512 -6.75 -19.28 11.90
C HIS A 512 -6.56 -20.69 12.43
N PRO A 513 -7.57 -21.56 12.32
CA PRO A 513 -7.45 -22.91 12.88
C PRO A 513 -6.66 -23.86 11.99
N THR A 514 -6.80 -23.72 10.67
CA THR A 514 -6.07 -24.60 9.76
C THR A 514 -4.57 -24.43 9.91
N LEU A 515 -4.11 -23.18 10.01
CA LEU A 515 -2.71 -22.92 10.32
C LEU A 515 -2.43 -22.97 11.81
N ALA A 516 -3.48 -23.01 12.65
CA ALA A 516 -3.33 -23.08 14.10
C ALA A 516 -2.48 -21.94 14.64
N MET A 517 -2.82 -20.72 14.24
CA MET A 517 -2.04 -19.57 14.66
C MET A 517 -2.87 -18.29 14.52
N ASP A 518 -2.43 -17.24 15.20
CA ASP A 518 -3.08 -15.95 15.14
C ASP A 518 -2.53 -15.14 13.96
N ARG A 519 -3.44 -14.48 13.23
CA ARG A 519 -3.07 -13.70 12.07
C ARG A 519 -3.77 -12.35 12.11
N ILE A 520 -3.15 -11.37 11.46
CA ILE A 520 -3.71 -10.03 11.28
C ILE A 520 -4.09 -9.87 9.81
N TYR A 521 -5.30 -9.41 9.56
CA TYR A 521 -5.79 -9.25 8.19
C TYR A 521 -5.92 -7.77 7.87
N PRO A 522 -4.97 -7.18 7.15
CA PRO A 522 -5.07 -5.75 6.82
C PRO A 522 -6.09 -5.50 5.72
N ILE A 523 -6.53 -4.24 5.64
CA ILE A 523 -7.49 -3.79 4.64
C ILE A 523 -6.79 -2.77 3.76
N ALA A 524 -6.60 -3.10 2.49
CA ALA A 524 -5.91 -2.22 1.57
C ALA A 524 -6.78 -1.00 1.24
N GLN A 525 -6.14 0.15 1.08
CA GLN A 525 -6.81 1.39 0.74
C GLN A 525 -6.70 1.72 -0.74
N THR A 526 -5.51 1.56 -1.33
CA THR A 526 -5.22 1.61 -2.76
C THR A 526 -5.97 2.71 -3.51
N HIS A 527 -6.17 3.86 -2.87
CA HIS A 527 -6.72 5.05 -3.53
C HIS A 527 -5.89 6.23 -3.02
N THR A 528 -4.80 6.52 -3.72
CA THR A 528 -3.83 7.50 -3.27
C THR A 528 -3.38 8.35 -4.44
N ALA A 529 -2.84 9.53 -4.12
CA ALA A 529 -2.46 10.49 -5.15
C ALA A 529 -1.33 9.94 -6.02
N THR A 530 -0.31 9.33 -5.40
CA THR A 530 0.88 8.90 -6.11
C THR A 530 0.90 7.41 -6.45
N GLY A 531 -0.16 6.67 -6.15
CA GLY A 531 -0.19 5.26 -6.41
C GLY A 531 0.33 4.38 -5.29
N ARG A 532 0.85 4.98 -4.22
CA ARG A 532 1.26 4.22 -3.05
C ARG A 532 0.07 3.47 -2.46
N VAL A 533 0.32 2.24 -2.01
CA VAL A 533 -0.73 1.39 -1.43
C VAL A 533 -0.60 1.45 0.09
N SER A 534 -1.68 1.87 0.75
CA SER A 534 -1.72 1.98 2.19
C SER A 534 -2.81 1.07 2.75
N PHE A 535 -2.85 0.97 4.07
CA PHE A 535 -3.82 0.12 4.76
C PHE A 535 -4.62 0.98 5.75
N THR A 536 -5.52 0.32 6.48
CA THR A 536 -6.49 1.00 7.33
C THR A 536 -6.07 0.93 8.78
N GLU A 537 -6.34 2.02 9.52
CA GLU A 537 -6.17 2.28 10.95
C GLU A 537 -5.03 1.49 11.59
N PRO A 538 -5.17 0.18 11.99
CA PRO A 538 -3.98 -0.51 12.51
C PRO A 538 -3.01 -0.85 11.39
N ASN A 539 -2.30 0.15 10.90
CA ASN A 539 -1.42 -0.02 9.75
C ASN A 539 -0.17 -0.77 10.16
N ILE A 540 0.04 -1.94 9.56
CA ILE A 540 1.22 -2.75 9.88
C ILE A 540 2.47 -2.13 9.28
N GLN A 541 2.33 -1.34 8.21
CA GLN A 541 3.46 -0.68 7.60
C GLN A 541 4.09 0.38 8.49
N ASN A 542 3.36 0.85 9.50
CA ASN A 542 3.85 1.89 10.40
C ASN A 542 4.50 1.36 11.66
N VAL A 543 4.77 0.05 11.71
CA VAL A 543 5.38 -0.54 12.91
C VAL A 543 6.82 -0.04 13.03
N PRO A 544 7.22 0.50 14.18
CA PRO A 544 8.59 1.00 14.33
C PRO A 544 9.62 -0.11 14.23
N LYS A 545 10.81 0.26 13.77
CA LYS A 545 11.90 -0.69 13.61
C LYS A 545 12.55 -0.95 14.96
N ASP A 546 13.67 -1.66 14.96
CA ASP A 546 14.36 -1.98 16.20
C ASP A 546 14.92 -0.72 16.85
N PHE A 547 14.73 -0.59 18.16
CA PHE A 547 15.37 0.46 18.94
C PHE A 547 15.90 -0.14 20.23
N GLU A 548 16.67 0.65 20.96
CA GLU A 548 17.39 0.19 22.14
C GLU A 548 16.85 0.85 23.39
N ILE A 549 16.75 0.09 24.47
CA ILE A 549 16.35 0.58 25.78
C ILE A 549 17.40 0.16 26.79
N CYS A 550 17.87 1.12 27.61
CA CYS A 550 18.91 0.82 28.59
C CYS A 550 18.43 -0.22 29.61
N MET A 551 17.20 -0.08 30.08
CA MET A 551 16.61 -0.99 31.07
C MET A 551 17.49 -1.13 32.31
N ALA A 592 21.55 -3.76 27.71
CA ALA A 592 20.45 -3.11 27.00
C ALA A 592 19.53 -4.14 26.36
N PHE A 593 18.36 -3.68 25.92
CA PHE A 593 17.36 -4.55 25.30
C PHE A 593 16.95 -3.97 23.96
N SER A 594 16.95 -4.81 22.93
CA SER A 594 16.51 -4.41 21.59
C SER A 594 15.03 -4.73 21.45
N VAL A 595 14.21 -3.68 21.40
CA VAL A 595 12.77 -3.86 21.28
C VAL A 595 12.41 -4.08 19.82
N SER A 596 12.34 -5.35 19.41
CA SER A 596 12.02 -5.71 18.03
C SER A 596 10.52 -5.96 17.93
N MET A 597 9.76 -4.91 17.62
CA MET A 597 8.32 -5.07 17.44
C MET A 597 7.99 -5.85 16.17
N ARG A 598 8.84 -5.80 15.17
CA ARG A 598 8.63 -6.58 13.95
C ARG A 598 8.96 -8.05 14.14
N HIS A 599 9.52 -8.44 15.28
CA HIS A 599 9.79 -9.84 15.55
C HIS A 599 8.54 -10.61 15.94
N ALA A 600 7.45 -9.92 16.28
CA ALA A 600 6.19 -10.57 16.63
C ALA A 600 5.45 -11.10 15.42
N PHE A 601 5.82 -10.69 14.21
CA PHE A 601 5.17 -11.12 12.98
C PHE A 601 5.94 -12.32 12.43
N VAL A 602 5.55 -13.51 12.90
CA VAL A 602 6.22 -14.75 12.55
C VAL A 602 5.44 -15.45 11.44
N PRO A 603 6.10 -16.28 10.61
CA PRO A 603 5.35 -17.08 9.63
C PRO A 603 4.70 -18.29 10.27
N PHE A 604 4.08 -19.15 9.48
CA PHE A 604 3.44 -20.34 10.02
C PHE A 604 4.48 -21.35 10.47
N SER A 605 4.01 -22.46 11.02
CA SER A 605 4.88 -23.47 11.60
C SER A 605 5.64 -24.18 10.49
N GLY A 606 6.90 -23.81 10.30
CA GLY A 606 7.73 -24.40 9.29
C GLY A 606 8.07 -23.52 8.11
N GLY A 607 8.00 -22.19 8.27
CA GLY A 607 8.28 -21.29 7.17
C GLY A 607 9.24 -20.18 7.59
N MET A 608 9.63 -19.39 6.60
CA MET A 608 10.50 -18.23 6.80
C MET A 608 9.90 -17.01 6.14
N ILE A 609 10.14 -15.85 6.75
CA ILE A 609 9.76 -14.58 6.17
C ILE A 609 10.78 -14.20 5.11
N LEU A 610 10.30 -13.86 3.92
CA LEU A 610 11.15 -13.49 2.79
C LEU A 610 10.75 -12.10 2.32
N ALA A 611 11.60 -11.12 2.58
CA ALA A 611 11.33 -9.73 2.19
C ALA A 611 12.37 -9.30 1.15
N ALA A 612 11.90 -8.84 0.00
CA ALA A 612 12.76 -8.37 -1.06
C ALA A 612 12.57 -6.87 -1.23
N ASP A 613 13.68 -6.13 -1.21
CA ASP A 613 13.66 -4.68 -1.11
C ASP A 613 14.39 -4.09 -2.32
N TYR A 614 13.84 -3.02 -2.88
CA TYR A 614 14.48 -2.31 -3.97
C TYR A 614 15.54 -1.37 -3.44
N SER A 615 16.75 -1.46 -3.98
CA SER A 615 17.86 -0.61 -3.55
C SER A 615 17.75 0.74 -4.26
N GLN A 616 17.32 1.76 -3.52
CA GLN A 616 17.21 3.13 -4.02
C GLN A 616 16.34 3.18 -5.28
N LEU A 617 15.08 2.76 -5.13
CA LEU A 617 14.19 2.66 -6.28
C LEU A 617 13.90 4.04 -6.89
N GLU A 618 13.56 5.02 -6.05
CA GLU A 618 13.23 6.35 -6.59
C GLU A 618 14.47 7.04 -7.13
N LEU A 619 15.64 6.81 -6.53
CA LEU A 619 16.86 7.37 -7.10
C LEU A 619 17.13 6.81 -8.49
N ARG A 620 16.92 5.51 -8.67
CA ARG A 620 17.14 4.92 -9.99
C ARG A 620 16.08 5.39 -11.00
N VAL A 621 14.84 5.57 -10.54
CA VAL A 621 13.81 6.11 -11.41
C VAL A 621 14.17 7.53 -11.84
N LEU A 622 14.65 8.35 -10.89
CA LEU A 622 15.07 9.71 -11.22
C LEU A 622 16.26 9.71 -12.17
N ALA A 623 17.19 8.76 -11.98
CA ALA A 623 18.32 8.67 -12.90
C ALA A 623 17.86 8.31 -14.31
N HIS A 624 16.92 7.38 -14.44
CA HIS A 624 16.41 7.01 -15.75
C HIS A 624 15.64 8.16 -16.39
N LEU A 625 14.82 8.87 -15.61
CA LEU A 625 14.01 9.94 -16.16
C LEU A 625 14.85 11.15 -16.54
N SER A 626 15.81 11.52 -15.69
CA SER A 626 16.61 12.72 -15.88
C SER A 626 17.78 12.50 -16.83
N LYS A 627 18.14 11.25 -17.11
CA LYS A 627 19.30 10.92 -17.95
C LYS A 627 20.58 11.51 -17.37
N ASP A 628 20.63 11.70 -16.06
CA ASP A 628 21.80 12.28 -15.41
C ASP A 628 22.95 11.27 -15.45
N GLN A 629 24.02 11.62 -16.15
CA GLN A 629 25.12 10.67 -16.35
C GLN A 629 25.83 10.35 -15.05
N ARG A 630 26.06 11.35 -14.20
CA ARG A 630 26.87 11.14 -13.01
C ARG A 630 26.16 10.24 -12.00
N LEU A 631 24.91 10.54 -11.68
CA LEU A 631 24.18 9.70 -10.74
C LEU A 631 23.92 8.32 -11.33
N LEU A 632 23.69 8.25 -12.64
CA LEU A 632 23.52 6.95 -13.28
C LEU A 632 24.78 6.10 -13.13
N GLN A 633 25.95 6.68 -13.40
CA GLN A 633 27.18 5.92 -13.30
C GLN A 633 27.57 5.61 -11.86
N VAL A 634 27.10 6.41 -10.91
CA VAL A 634 27.23 6.02 -9.50
C VAL A 634 26.37 4.81 -9.21
N LEU A 635 25.14 4.78 -9.71
CA LEU A 635 24.25 3.63 -9.49
C LEU A 635 24.43 2.54 -10.54
N ASN A 636 25.69 2.18 -10.84
CA ASN A 636 25.96 0.95 -11.57
C ASN A 636 27.22 0.25 -11.07
N GLY A 637 27.75 0.63 -9.92
CA GLY A 637 29.01 0.08 -9.47
C GLY A 637 28.99 -0.48 -8.07
N GLY A 638 27.80 -0.54 -7.46
CA GLY A 638 27.66 -1.10 -6.14
C GLY A 638 28.01 -0.17 -5.00
N ALA A 639 28.38 1.07 -5.28
CA ALA A 639 28.69 2.04 -4.24
C ALA A 639 27.41 2.66 -3.72
N ASP A 640 27.26 2.67 -2.39
CA ASP A 640 26.06 3.22 -1.78
C ASP A 640 26.07 4.74 -1.89
N VAL A 641 25.04 5.30 -2.53
CA VAL A 641 24.96 6.75 -2.68
C VAL A 641 24.82 7.42 -1.32
N PHE A 642 23.95 6.89 -0.47
CA PHE A 642 23.73 7.48 0.84
C PHE A 642 24.91 7.30 1.77
N ARG A 643 25.86 6.43 1.43
CA ARG A 643 27.09 6.31 2.20
C ARG A 643 28.19 7.23 1.69
N CYS A 644 28.38 7.29 0.37
CA CYS A 644 29.39 8.18 -0.19
C CYS A 644 29.03 9.64 0.05
N ILE A 645 27.74 9.98 -0.07
CA ILE A 645 27.31 11.35 0.19
C ILE A 645 27.61 11.73 1.64
N ALA A 646 27.29 10.83 2.57
CA ALA A 646 27.57 11.11 3.98
C ALA A 646 29.07 11.21 4.23
N ALA A 647 29.87 10.38 3.56
CA ALA A 647 31.32 10.46 3.71
C ALA A 647 31.86 11.79 3.24
N GLU A 648 31.40 12.26 2.07
CA GLU A 648 31.85 13.54 1.56
C GLU A 648 31.38 14.70 2.46
N TRP A 649 30.14 14.63 2.93
CA TRP A 649 29.61 15.70 3.78
C TRP A 649 30.34 15.77 5.11
N LYS A 650 30.64 14.61 5.72
CA LYS A 650 31.25 14.57 7.04
C LYS A 650 32.77 14.45 7.00
N GLY A 651 33.35 14.02 5.88
CA GLY A 651 34.78 13.87 5.77
C GLY A 651 35.32 12.51 6.15
N VAL A 652 34.48 11.61 6.66
CA VAL A 652 34.93 10.30 7.09
C VAL A 652 35.08 9.37 5.89
N ASP A 653 35.72 8.23 6.09
CA ASP A 653 35.86 7.24 5.02
C ASP A 653 34.50 6.63 4.70
N PRO A 654 34.22 6.35 3.43
CA PRO A 654 32.90 5.81 3.07
C PRO A 654 32.56 4.49 3.76
N GLU A 655 33.55 3.64 4.03
CA GLU A 655 33.29 2.36 4.68
C GLU A 655 33.16 2.47 6.19
N THR A 656 33.37 3.66 6.77
CA THR A 656 33.28 3.88 8.20
C THR A 656 32.14 4.83 8.54
N VAL A 657 31.00 4.63 7.90
CA VAL A 657 29.83 5.49 8.06
C VAL A 657 28.76 4.74 8.85
N ASN A 658 28.30 5.35 9.93
CA ASN A 658 27.27 4.74 10.77
C ASN A 658 25.94 4.69 10.02
N ASP A 659 25.08 3.76 10.45
CA ASP A 659 23.76 3.64 9.83
C ASP A 659 22.92 4.88 10.08
N SER A 660 23.03 5.47 11.28
CA SER A 660 22.31 6.71 11.55
C SER A 660 22.79 7.84 10.65
N LEU A 661 24.08 7.88 10.35
CA LEU A 661 24.61 8.88 9.43
C LEU A 661 24.09 8.64 8.01
N ARG A 662 23.97 7.38 7.60
CA ARG A 662 23.47 7.08 6.27
C ARG A 662 22.02 7.52 6.11
N GLN A 663 21.21 7.36 7.16
CA GLN A 663 19.82 7.82 7.11
C GLN A 663 19.76 9.34 6.95
N GLN A 664 20.63 10.06 7.63
CA GLN A 664 20.67 11.51 7.48
C GLN A 664 21.02 11.91 6.05
N ALA A 665 22.00 11.24 5.46
CA ALA A 665 22.35 11.52 4.07
C ALA A 665 21.20 11.20 3.13
N LYS A 666 20.47 10.12 3.40
CA LYS A 666 19.30 9.79 2.59
C LYS A 666 18.24 10.88 2.69
N GLN A 667 17.98 11.35 3.91
CA GLN A 667 17.00 12.43 4.09
C GLN A 667 17.43 13.68 3.35
N ILE A 668 18.72 14.04 3.46
CA ILE A 668 19.21 15.24 2.79
C ILE A 668 19.09 15.11 1.28
N CYS A 669 19.49 13.96 0.74
CA CYS A 669 19.43 13.75 -0.71
C CYS A 669 18.00 13.82 -1.22
N TYR A 670 17.09 13.09 -0.58
CA TYR A 670 15.71 13.09 -1.06
C TYR A 670 15.05 14.45 -0.89
N GLY A 671 15.35 15.16 0.21
CA GLY A 671 14.81 16.50 0.37
C GLY A 671 15.28 17.45 -0.70
N ILE A 672 16.58 17.45 -0.98
CA ILE A 672 17.12 18.36 -2.00
C ILE A 672 16.55 18.00 -3.36
N ILE A 673 16.35 16.70 -3.63
CA ILE A 673 15.72 16.31 -4.88
C ILE A 673 14.29 16.82 -4.95
N TYR A 674 13.56 16.77 -3.84
CA TYR A 674 12.16 17.18 -3.81
C TYR A 674 11.99 18.63 -3.35
N GLY A 675 12.94 19.50 -3.70
CA GLY A 675 12.80 20.92 -3.46
C GLY A 675 12.80 21.38 -2.03
N MET A 676 13.70 20.85 -1.20
CA MET A 676 13.84 21.34 0.17
C MET A 676 14.62 22.65 0.16
N GLY A 677 14.11 23.64 0.90
CA GLY A 677 14.71 24.95 0.89
C GLY A 677 16.04 25.01 1.62
N ALA A 678 16.73 26.13 1.43
CA ALA A 678 18.03 26.33 2.07
C ALA A 678 17.91 26.43 3.58
N LYS A 679 16.85 27.09 4.07
CA LYS A 679 16.67 27.21 5.52
C LYS A 679 16.44 25.85 6.16
N SER A 680 15.62 25.00 5.55
CA SER A 680 15.37 23.67 6.10
C SER A 680 16.63 22.83 6.09
N LEU A 681 17.41 22.88 5.01
CA LEU A 681 18.65 22.14 4.96
C LEU A 681 19.64 22.64 6.02
N GLY A 682 19.69 23.94 6.23
CA GLY A 682 20.56 24.48 7.26
C GLY A 682 20.14 24.03 8.66
N GLU A 683 18.83 24.03 8.93
CA GLU A 683 18.36 23.62 10.24
C GLU A 683 18.52 22.12 10.47
N GLN A 684 18.44 21.31 9.41
CA GLN A 684 18.54 19.87 9.57
C GLN A 684 19.97 19.36 9.56
N MET A 685 20.80 19.85 8.63
CA MET A 685 22.17 19.40 8.49
C MET A 685 23.12 20.07 9.47
N GLY A 686 22.69 21.14 10.12
CA GLY A 686 23.48 21.76 11.18
C GLY A 686 24.38 22.89 10.76
N VAL A 687 24.13 23.52 9.61
CA VAL A 687 24.96 24.64 9.16
C VAL A 687 24.09 25.88 9.02
N GLU A 688 24.71 27.01 8.68
CA GLU A 688 23.97 28.23 8.45
C GLU A 688 23.22 28.15 7.12
N GLU A 689 22.31 29.10 6.92
CA GLU A 689 21.50 29.11 5.70
C GLU A 689 22.37 29.31 4.47
N ASN A 690 23.39 30.17 4.56
CA ASN A 690 24.27 30.40 3.42
C ASN A 690 25.02 29.14 3.03
N ASP A 691 25.55 28.41 4.01
CA ASP A 691 26.26 27.16 3.72
C ASP A 691 25.31 26.13 3.13
N ALA A 692 24.07 26.07 3.62
CA ALA A 692 23.10 25.13 3.06
C ALA A 692 22.77 25.48 1.62
N ALA A 693 22.61 26.77 1.32
CA ALA A 693 22.35 27.19 -0.06
C ALA A 693 23.53 26.87 -0.96
N CYS A 694 24.75 27.07 -0.46
CA CYS A 694 25.93 26.71 -1.25
C CYS A 694 25.98 25.21 -1.49
N TYR A 695 25.62 24.41 -0.48
CA TYR A 695 25.59 22.96 -0.65
C TYR A 695 24.55 22.54 -1.69
N ILE A 696 23.38 23.19 -1.66
CA ILE A 696 22.36 22.88 -2.66
C ILE A 696 22.86 23.25 -4.07
N GLU A 697 23.52 24.39 -4.19
CA GLU A 697 24.06 24.80 -5.48
C GLU A 697 25.11 23.81 -5.97
N SER A 698 25.97 23.34 -5.07
CA SER A 698 26.98 22.34 -5.44
C SER A 698 26.32 21.03 -5.84
N PHE A 699 25.26 20.63 -5.14
CA PHE A 699 24.53 19.42 -5.50
C PHE A 699 23.91 19.53 -6.89
N LYS A 700 23.34 20.70 -7.20
CA LYS A 700 22.70 20.88 -8.50
C LYS A 700 23.70 21.04 -9.62
N ALA A 701 24.88 21.60 -9.34
CA ALA A 701 25.93 21.70 -10.34
C ALA A 701 26.76 20.44 -10.47
N ARG A 702 26.63 19.50 -9.53
CA ARG A 702 27.30 18.22 -9.61
C ARG A 702 26.47 17.20 -10.36
N TYR A 703 25.15 17.26 -10.20
CA TYR A 703 24.20 16.44 -10.96
C TYR A 703 23.47 17.38 -11.91
N LYS A 704 24.04 17.56 -13.11
CA LYS A 704 23.45 18.46 -14.09
C LYS A 704 22.10 17.97 -14.60
N GLY A 705 21.90 16.65 -14.67
CA GLY A 705 20.64 16.13 -15.18
C GLY A 705 19.46 16.33 -14.24
N ILE A 706 19.70 16.28 -12.94
CA ILE A 706 18.60 16.40 -11.98
C ILE A 706 17.95 17.77 -12.05
N ASN A 707 18.76 18.83 -12.08
CA ASN A 707 18.21 20.18 -12.15
C ASN A 707 17.44 20.41 -13.44
N ALA A 708 17.98 19.93 -14.56
CA ALA A 708 17.29 20.06 -15.84
C ALA A 708 15.99 19.30 -15.82
N PHE A 709 15.98 18.10 -15.23
CA PHE A 709 14.74 17.33 -15.14
C PHE A 709 13.71 18.05 -14.28
N LEU A 710 14.13 18.65 -13.16
CA LEU A 710 13.19 19.37 -12.31
C LEU A 710 12.57 20.55 -13.08
N LYS A 711 13.42 21.32 -13.77
CA LYS A 711 12.92 22.46 -14.53
C LYS A 711 11.98 22.02 -15.64
N GLU A 712 12.34 20.96 -16.38
CA GLU A 712 11.50 20.50 -17.47
C GLU A 712 10.19 19.92 -16.96
N THR A 713 10.22 19.22 -15.82
CA THR A 713 8.99 18.70 -15.24
C THR A 713 8.06 19.83 -14.82
N VAL A 714 8.60 20.88 -14.20
CA VAL A 714 7.77 22.03 -13.84
C VAL A 714 7.19 22.70 -15.08
N LYS A 715 8.02 22.87 -16.12
CA LYS A 715 7.55 23.51 -17.35
C LYS A 715 6.44 22.69 -18.02
N ASN A 716 6.61 21.37 -18.08
CA ASN A 716 5.60 20.52 -18.68
C ASN A 716 4.33 20.47 -17.84
N CYS A 717 4.46 20.53 -16.51
CA CYS A 717 3.28 20.61 -15.66
C CYS A 717 2.51 21.91 -15.90
N ILE A 718 3.24 23.01 -16.09
CA ILE A 718 2.58 24.27 -16.43
C ILE A 718 1.90 24.18 -17.78
N LYS A 719 2.57 23.57 -18.76
CA LYS A 719 2.03 23.52 -20.11
C LYS A 719 0.78 22.64 -20.18
N ASN A 720 0.84 21.44 -19.62
CA ASN A 720 -0.23 20.47 -19.75
C ASN A 720 -1.24 20.50 -18.59
N GLY A 721 -0.86 21.05 -17.44
CA GLY A 721 -1.73 21.05 -16.29
C GLY A 721 -1.69 19.79 -15.45
N TYR A 722 -0.88 18.81 -15.84
CA TYR A 722 -0.80 17.54 -15.12
C TYR A 722 0.61 16.99 -15.25
N VAL A 723 0.91 15.99 -14.43
CA VAL A 723 2.19 15.29 -14.44
C VAL A 723 1.93 13.81 -14.69
N GLN A 724 2.69 13.22 -15.61
CA GLN A 724 2.50 11.84 -16.02
C GLN A 724 3.69 11.01 -15.56
N THR A 725 3.39 9.86 -14.96
CA THR A 725 4.42 8.97 -14.45
C THR A 725 5.01 8.14 -15.58
N LEU A 726 5.79 7.12 -15.24
CA LEU A 726 6.45 6.30 -16.25
C LEU A 726 5.45 5.48 -17.06
N MET A 727 4.44 4.92 -16.41
CA MET A 727 3.46 4.07 -17.09
C MET A 727 2.33 4.85 -17.73
N GLY A 728 2.21 6.15 -17.45
CA GLY A 728 1.17 6.96 -18.04
C GLY A 728 0.10 7.46 -17.08
N ARG A 729 0.24 7.20 -15.78
CA ARG A 729 -0.72 7.72 -14.82
C ARG A 729 -0.57 9.23 -14.70
N ARG A 730 -1.67 9.96 -14.83
CA ARG A 730 -1.67 11.41 -14.81
C ARG A 730 -2.27 11.92 -13.51
N ARG A 731 -1.56 12.82 -12.84
CA ARG A 731 -2.08 13.52 -11.68
C ARG A 731 -2.22 14.99 -12.04
N TYR A 732 -3.42 15.54 -11.82
CA TYR A 732 -3.73 16.90 -12.22
C TYR A 732 -3.43 17.85 -11.08
N LEU A 733 -2.60 18.87 -11.35
CA LEU A 733 -2.22 19.88 -10.37
C LEU A 733 -2.63 21.24 -10.91
N PRO A 734 -3.84 21.71 -10.60
CA PRO A 734 -4.28 23.01 -11.12
C PRO A 734 -3.59 24.20 -10.47
N GLY A 735 -2.87 23.99 -9.37
CA GLY A 735 -2.19 25.06 -8.67
C GLY A 735 -0.82 25.41 -9.20
N ILE A 736 -0.39 24.77 -10.29
CA ILE A 736 0.93 25.08 -10.86
C ILE A 736 0.99 26.43 -11.53
N SER A 737 -0.16 27.04 -11.84
CA SER A 737 -0.21 28.36 -12.47
C SER A 737 -0.83 29.41 -11.56
N ASN A 738 -0.94 29.11 -10.27
CA ASN A 738 -1.55 30.05 -9.33
C ASN A 738 -0.65 31.27 -9.15
N THR A 739 -1.27 32.41 -8.86
CA THR A 739 -0.53 33.65 -8.63
C THR A 739 0.11 33.71 -7.25
N ASN A 740 -0.21 32.77 -6.37
CA ASN A 740 0.38 32.72 -5.04
C ASN A 740 1.70 31.95 -5.10
N THR A 741 2.77 32.57 -4.60
CA THR A 741 4.09 31.96 -4.69
C THR A 741 4.15 30.65 -3.91
N HIS A 742 3.57 30.62 -2.71
CA HIS A 742 3.63 29.42 -1.87
C HIS A 742 2.90 28.25 -2.54
N ILE A 743 1.71 28.51 -3.08
CA ILE A 743 0.94 27.44 -3.70
C ILE A 743 1.62 26.97 -4.99
N LYS A 744 2.21 27.90 -5.75
CA LYS A 744 2.93 27.52 -6.95
C LYS A 744 4.14 26.64 -6.62
N ALA A 745 4.89 27.01 -5.59
CA ALA A 745 6.04 26.20 -5.18
C ALA A 745 5.59 24.83 -4.68
N HIS A 746 4.50 24.78 -3.92
CA HIS A 746 3.98 23.50 -3.45
C HIS A 746 3.55 22.62 -4.62
N ALA A 747 2.92 23.23 -5.63
CA ALA A 747 2.52 22.47 -6.81
C ALA A 747 3.75 21.95 -7.57
N GLU A 748 4.81 22.75 -7.64
CA GLU A 748 6.03 22.30 -8.28
C GLU A 748 6.64 21.10 -7.56
N ARG A 749 6.71 21.19 -6.22
CA ARG A 749 7.25 20.08 -5.43
C ARG A 749 6.39 18.83 -5.58
N GLN A 750 5.07 19.00 -5.56
CA GLN A 750 4.19 17.86 -5.77
C GLN A 750 4.35 17.28 -7.17
N ALA A 751 4.61 18.14 -8.16
CA ALA A 751 4.82 17.65 -9.52
C ALA A 751 6.03 16.74 -9.59
N VAL A 752 7.17 17.20 -9.06
CA VAL A 752 8.39 16.39 -9.08
C VAL A 752 8.19 15.10 -8.28
N ASN A 753 7.64 15.24 -7.07
CA ASN A 753 7.45 14.08 -6.21
C ASN A 753 6.52 13.06 -6.83
N THR A 754 5.44 13.52 -7.47
CA THR A 754 4.53 12.60 -8.15
C THR A 754 5.23 11.92 -9.31
N THR A 755 5.94 12.69 -10.14
CA THR A 755 6.61 12.11 -11.30
C THR A 755 7.56 10.99 -10.90
N VAL A 756 8.22 11.12 -9.75
CA VAL A 756 9.14 10.07 -9.32
C VAL A 756 8.42 8.95 -8.57
N GLN A 757 7.60 9.29 -7.57
CA GLN A 757 6.99 8.31 -6.70
C GLN A 757 5.96 7.45 -7.42
N GLY A 758 5.19 8.05 -8.33
CA GLY A 758 4.24 7.27 -9.09
C GLY A 758 4.91 6.24 -9.98
N SER A 759 6.03 6.62 -10.60
CA SER A 759 6.80 5.66 -11.39
C SER A 759 7.32 4.53 -10.51
N ALA A 760 7.83 4.87 -9.33
CA ALA A 760 8.30 3.83 -8.41
C ALA A 760 7.16 2.89 -8.01
N ALA A 761 5.98 3.44 -7.71
CA ALA A 761 4.84 2.61 -7.33
C ALA A 761 4.38 1.73 -8.47
N ASP A 762 4.40 2.26 -9.69
CA ASP A 762 4.05 1.45 -10.86
C ASP A 762 5.02 0.29 -11.03
N ILE A 763 6.32 0.53 -10.84
CA ILE A 763 7.28 -0.56 -10.93
C ILE A 763 7.02 -1.60 -9.84
N VAL A 764 6.72 -1.15 -8.63
CA VAL A 764 6.44 -2.10 -7.54
C VAL A 764 5.21 -2.95 -7.87
N LYS A 765 4.15 -2.31 -8.37
CA LYS A 765 2.92 -3.06 -8.69
C LYS A 765 3.16 -4.05 -9.82
N LEU A 766 3.89 -3.64 -10.86
CA LEU A 766 4.19 -4.56 -11.95
C LEU A 766 5.04 -5.73 -11.46
N ALA A 767 6.01 -5.47 -10.58
CA ALA A 767 6.81 -6.54 -10.01
C ALA A 767 5.95 -7.50 -9.20
N THR A 768 5.01 -6.98 -8.41
CA THR A 768 4.12 -7.84 -7.64
C THR A 768 3.28 -8.72 -8.55
N VAL A 769 2.72 -8.14 -9.61
CA VAL A 769 1.90 -8.92 -10.54
C VAL A 769 2.73 -10.01 -11.21
N ASN A 770 3.94 -9.66 -11.64
CA ASN A 770 4.80 -10.65 -12.30
C ASN A 770 5.19 -11.77 -11.33
N ILE A 771 5.50 -11.43 -10.08
CA ILE A 771 5.84 -12.44 -9.09
C ILE A 771 4.67 -13.37 -8.85
N GLN A 772 3.45 -12.82 -8.74
CA GLN A 772 2.29 -13.66 -8.53
C GLN A 772 2.05 -14.60 -9.71
N LYS A 773 2.18 -14.07 -10.94
CA LYS A 773 2.01 -14.93 -12.12
C LYS A 773 3.04 -16.04 -12.15
N ARG A 774 4.31 -15.71 -11.87
CA ARG A 774 5.36 -16.73 -11.96
C ARG A 774 5.21 -17.76 -10.85
N LEU A 775 4.78 -17.32 -9.65
CA LEU A 775 4.53 -18.26 -8.57
C LEU A 775 3.39 -19.21 -8.92
N ARG A 776 2.32 -18.68 -9.52
CA ARG A 776 1.22 -19.55 -9.93
C ARG A 776 1.67 -20.53 -11.00
N LYS A 777 2.53 -20.08 -11.92
CA LYS A 777 3.05 -20.97 -12.95
C LYS A 777 3.92 -22.07 -12.34
N THR A 778 4.74 -21.72 -11.35
CA THR A 778 5.68 -22.67 -10.77
C THR A 778 5.00 -23.67 -9.85
N TYR A 779 3.99 -23.25 -9.10
CA TYR A 779 3.29 -24.10 -8.13
C TYR A 779 1.81 -24.11 -8.48
N PRO A 780 1.40 -24.89 -9.48
CA PRO A 780 -0.01 -24.89 -9.90
C PRO A 780 -0.93 -25.66 -8.98
N THR A 781 -0.40 -26.39 -8.00
CA THR A 781 -1.21 -27.20 -7.09
C THR A 781 -1.04 -26.72 -5.65
N ALA A 782 -1.07 -25.41 -5.46
CA ALA A 782 -0.96 -24.80 -4.14
C ALA A 782 -2.13 -23.84 -3.93
N PRO A 783 -2.57 -23.67 -2.69
CA PRO A 783 -3.67 -22.75 -2.43
C PRO A 783 -3.30 -21.32 -2.80
N LEU A 784 -4.28 -20.59 -3.33
CA LEU A 784 -4.04 -19.19 -3.68
C LEU A 784 -3.83 -18.33 -2.45
N SER A 785 -4.51 -18.65 -1.35
CA SER A 785 -4.36 -17.94 -0.10
C SER A 785 -4.63 -18.90 1.04
N HIS A 786 -4.62 -18.37 2.26
CA HIS A 786 -4.85 -19.19 3.45
C HIS A 786 -6.34 -19.41 3.73
N GLN A 787 -7.23 -18.72 3.01
CA GLN A 787 -8.67 -18.90 3.16
C GLN A 787 -9.27 -19.76 2.05
N HIS A 788 -8.44 -20.34 1.19
CA HIS A 788 -8.92 -21.19 0.11
C HIS A 788 -9.02 -22.66 0.52
N THR A 789 -7.95 -23.20 1.09
CA THR A 789 -7.93 -24.60 1.51
C THR A 789 -6.95 -24.80 2.67
N LEU A 803 1.28 -26.36 1.67
CA LEU A 803 1.58 -24.93 1.69
C LEU A 803 2.75 -24.62 0.75
N ARG A 804 2.63 -25.05 -0.50
CA ARG A 804 3.68 -24.83 -1.48
C ARG A 804 3.70 -23.36 -1.91
N GLY A 805 4.90 -22.84 -2.12
CA GLY A 805 5.05 -21.50 -2.64
C GLY A 805 5.06 -20.43 -1.55
N ALA A 806 4.77 -19.20 -1.98
CA ALA A 806 4.75 -18.03 -1.12
C ALA A 806 3.35 -17.43 -1.14
N PHE A 807 3.12 -16.46 -0.25
CA PHE A 807 1.76 -15.99 -0.02
C PHE A 807 1.58 -14.47 0.00
N PHE A 808 2.66 -13.67 -0.03
CA PHE A 808 2.56 -12.22 -0.17
C PHE A 808 1.72 -11.61 0.95
N VAL A 809 2.28 -11.67 2.16
CA VAL A 809 1.53 -11.23 3.34
C VAL A 809 1.57 -9.72 3.57
N LEU A 810 2.52 -8.99 2.98
CA LEU A 810 2.65 -7.57 3.27
C LEU A 810 3.40 -6.86 2.15
N GLN A 811 3.21 -5.54 2.09
CA GLN A 811 3.94 -4.67 1.19
C GLN A 811 4.30 -3.38 1.92
N LEU A 812 5.54 -2.91 1.74
CA LEU A 812 6.06 -1.75 2.44
C LEU A 812 6.39 -0.61 1.48
N HIS A 813 5.70 -0.57 0.33
CA HIS A 813 5.77 0.47 -0.69
C HIS A 813 7.08 0.39 -1.45
N ASP A 814 8.02 -0.39 -0.94
CA ASP A 814 9.27 -0.72 -1.61
C ASP A 814 9.67 -2.17 -1.46
N GLU A 815 9.05 -2.90 -0.54
CA GLU A 815 9.37 -4.29 -0.24
C GLU A 815 8.16 -5.15 -0.53
N LEU A 816 8.41 -6.45 -0.68
CA LEU A 816 7.35 -7.45 -0.88
C LEU A 816 7.65 -8.61 0.06
N ILE A 817 6.93 -8.67 1.18
CA ILE A 817 7.16 -9.70 2.18
C ILE A 817 6.33 -10.93 1.82
N TYR A 818 6.98 -12.09 1.82
CA TYR A 818 6.34 -13.36 1.49
C TYR A 818 6.60 -14.36 2.59
N GLU A 819 5.67 -15.29 2.77
CA GLU A 819 5.83 -16.43 3.66
C GLU A 819 5.98 -17.69 2.82
N THR A 820 7.12 -18.37 2.97
CA THR A 820 7.39 -19.56 2.18
C THR A 820 8.04 -20.62 3.06
N ARG A 821 7.95 -21.87 2.61
CA ARG A 821 8.38 -23.00 3.41
C ARG A 821 9.90 -23.17 3.37
N GLU A 822 10.38 -24.10 4.19
CA GLU A 822 11.82 -24.33 4.29
C GLU A 822 12.38 -24.90 3.01
N GLU A 823 11.64 -25.80 2.35
CA GLU A 823 12.11 -26.39 1.10
C GLU A 823 11.89 -25.48 -0.11
N ASP A 824 11.17 -24.38 0.06
CA ASP A 824 10.86 -23.46 -1.02
C ASP A 824 11.50 -22.09 -0.83
N LEU A 825 12.23 -21.88 0.26
CA LEU A 825 12.87 -20.58 0.49
C LEU A 825 13.71 -20.14 -0.70
N ILE A 826 14.62 -20.99 -1.16
CA ILE A 826 15.55 -20.60 -2.21
C ILE A 826 14.81 -20.46 -3.54
N GLN A 827 13.91 -21.39 -3.85
CA GLN A 827 13.18 -21.33 -5.11
C GLN A 827 12.29 -20.11 -5.19
N VAL A 828 11.76 -19.64 -4.06
CA VAL A 828 10.93 -18.44 -4.08
C VAL A 828 11.79 -17.19 -4.10
N ALA A 829 12.93 -17.20 -3.39
CA ALA A 829 13.81 -16.04 -3.40
C ALA A 829 14.36 -15.77 -4.80
N GLN A 830 14.77 -16.82 -5.51
CA GLN A 830 15.28 -16.63 -6.86
C GLN A 830 14.23 -16.01 -7.76
N ILE A 831 13.00 -16.55 -7.73
CA ILE A 831 11.91 -16.02 -8.55
C ILE A 831 11.64 -14.57 -8.21
N VAL A 832 11.55 -14.25 -6.90
CA VAL A 832 11.20 -12.89 -6.51
C VAL A 832 12.28 -11.92 -6.95
N LYS A 833 13.56 -12.27 -6.74
CA LYS A 833 14.63 -11.38 -7.14
C LYS A 833 14.66 -11.18 -8.64
N ARG A 834 14.50 -12.26 -9.41
CA ARG A 834 14.53 -12.14 -10.86
C ARG A 834 13.39 -11.26 -11.36
N GLU A 835 12.19 -11.43 -10.82
CA GLU A 835 11.06 -10.64 -11.29
C GLU A 835 11.21 -9.17 -10.88
N MET A 836 11.70 -8.91 -9.67
CA MET A 836 11.92 -7.52 -9.26
C MET A 836 12.98 -6.86 -10.14
N GLU A 837 14.00 -7.62 -10.56
CA GLU A 837 15.03 -7.04 -11.41
C GLU A 837 14.53 -6.81 -12.82
N SER A 838 13.70 -7.72 -13.35
CA SER A 838 13.30 -7.66 -14.75
C SER A 838 11.88 -7.10 -14.95
N ALA A 839 11.29 -6.49 -13.92
CA ALA A 839 9.99 -5.84 -14.10
C ALA A 839 10.01 -4.84 -15.25
N VAL A 840 10.96 -3.92 -15.25
CA VAL A 840 11.09 -2.93 -16.32
C VAL A 840 12.55 -2.81 -16.73
N LYS A 841 12.75 -2.34 -17.96
CA LYS A 841 14.09 -2.10 -18.50
C LYS A 841 14.35 -0.60 -18.48
N LEU A 842 15.35 -0.20 -17.70
CA LEU A 842 15.72 1.20 -17.56
C LEU A 842 17.19 1.38 -17.91
N TYR A 843 17.62 2.64 -17.99
CA TYR A 843 19.03 2.94 -18.20
C TYR A 843 19.88 2.65 -16.98
N VAL A 844 19.25 2.38 -15.83
CA VAL A 844 19.96 1.97 -14.62
C VAL A 844 19.61 0.52 -14.34
N LYS A 845 20.40 -0.10 -13.48
CA LYS A 845 20.16 -1.47 -13.05
C LYS A 845 19.27 -1.46 -11.82
N LEU A 846 18.21 -2.26 -11.85
CA LEU A 846 17.29 -2.40 -10.72
C LEU A 846 17.83 -3.50 -9.81
N LYS A 847 18.45 -3.10 -8.71
CA LYS A 847 19.00 -4.03 -7.75
C LYS A 847 18.02 -4.24 -6.60
N ALA A 848 17.67 -5.50 -6.34
CA ALA A 848 16.78 -5.87 -5.25
C ALA A 848 17.48 -6.89 -4.38
N LYS A 849 17.47 -6.67 -3.06
CA LYS A 849 18.12 -7.55 -2.10
C LYS A 849 17.05 -8.34 -1.36
N VAL A 850 17.31 -9.64 -1.17
CA VAL A 850 16.36 -10.56 -0.55
C VAL A 850 16.89 -10.94 0.82
N LYS A 851 16.05 -10.77 1.84
CA LYS A 851 16.38 -11.14 3.21
C LYS A 851 15.39 -12.19 3.70
N VAL A 852 15.92 -13.29 4.20
CA VAL A 852 15.11 -14.40 4.71
C VAL A 852 15.43 -14.60 6.18
N GLY A 853 14.39 -14.83 6.97
CA GLY A 853 14.57 -14.96 8.40
C GLY A 853 13.45 -15.70 9.10
N PRO A 854 13.63 -15.96 10.40
CA PRO A 854 12.56 -16.61 11.17
C PRO A 854 11.37 -15.70 11.47
N SER A 855 11.52 -14.39 11.26
CA SER A 855 10.45 -13.45 11.52
C SER A 855 10.76 -12.15 10.78
N TRP A 856 9.78 -11.23 10.79
CA TRP A 856 9.97 -9.96 10.12
C TRP A 856 11.07 -9.13 10.76
N GLY A 857 11.18 -9.17 12.09
CA GLY A 857 12.20 -8.44 12.80
C GLY A 857 13.53 -9.15 12.96
N ASN A 858 13.69 -10.32 12.35
CA ASN A 858 14.92 -11.10 12.43
C ASN A 858 15.38 -11.52 11.04
N LEU A 859 15.31 -10.60 10.09
CA LEU A 859 15.66 -10.90 8.71
C LEU A 859 17.16 -10.72 8.49
N GLN A 860 17.80 -11.75 7.95
CA GLN A 860 19.22 -11.71 7.63
C GLN A 860 19.39 -11.78 6.12
N ASP A 861 20.36 -11.04 5.61
CA ASP A 861 20.58 -10.96 4.17
C ASP A 861 20.89 -12.33 3.59
N LEU A 862 20.28 -12.62 2.45
CA LEU A 862 20.45 -13.90 1.76
C LEU A 862 21.24 -13.62 0.47
N ASP A 863 22.56 -13.77 0.56
CA ASP A 863 23.40 -13.59 -0.62
C ASP A 863 23.12 -14.68 -1.63
N LEU A 864 22.90 -14.29 -2.88
CA LEU A 864 22.54 -15.24 -3.93
C LEU A 864 22.71 -14.61 -5.31
#